data_4Q2F
#
_entry.id   4Q2F
#
_cell.length_a   43.295
_cell.length_b   58.411
_cell.length_c   111.075
_cell.angle_alpha   90.00
_cell.angle_beta   90.00
_cell.angle_gamma   90.00
#
_symmetry.space_group_name_H-M   'P 21 21 21'
#
loop_
_entity.id
_entity.type
_entity.pdbx_description
1 polymer Galectin-1
2 non-polymer 'prop-2-en-1-yl 2-(acetylamino)-4-O-(3-O-{[1-(5-amino-1H-1,2,4-triazol-3-yl)-1H-1,2,3-triazol-4-yl]methyl}-beta-D-galactopyranosyl)-2-deoxy-beta-D-glucopyranoside'
3 non-polymer 'SULFATE ION'
4 water water
#
_entity_poly.entity_id   1
_entity_poly.type   'polypeptide(L)'
_entity_poly.pdbx_seq_one_letter_code
;GMACGLVASNLNLKPGE(CME)LRVRGEVAPDAKSFVLNLGKDSNNLCLHFNPRFNAHGDANTIVCNSKDGGAWGTEQRE
AVFPFQPGSVAEV(CME)ITFDQANLTVKLPDGYEFKFPNRLNLEAINYMAADGDFKIK(CME)VAFD
;
_entity_poly.pdbx_strand_id   A,B
#
# COMPACT_ATOMS: atom_id res chain seq x y z
N CYS A 4 -5.78 -13.48 2.72
CA CYS A 4 -5.73 -12.29 1.88
C CYS A 4 -5.14 -11.13 2.63
N GLY A 5 -4.08 -10.57 2.05
CA GLY A 5 -3.34 -9.51 2.67
C GLY A 5 -3.68 -8.24 1.95
N LEU A 6 -2.69 -7.37 1.92
CA LEU A 6 -2.86 -5.99 1.51
C LEU A 6 -3.36 -5.94 0.08
N VAL A 7 -4.35 -5.09 -0.16
CA VAL A 7 -4.80 -4.78 -1.51
C VAL A 7 -4.68 -3.29 -1.71
N ALA A 8 -4.12 -2.86 -2.82
CA ALA A 8 -4.01 -1.45 -3.10
C ALA A 8 -4.48 -1.18 -4.51
N SER A 9 -5.20 -0.10 -4.67
CA SER A 9 -5.69 0.29 -5.96
C SER A 9 -5.37 1.77 -6.20
N ASN A 10 -5.63 2.24 -7.41
CA ASN A 10 -5.19 3.55 -7.89
C ASN A 10 -3.70 3.78 -7.84
N LEU A 11 -2.91 2.75 -8.03
CA LEU A 11 -1.45 2.90 -7.94
C LEU A 11 -0.85 3.78 -9.01
N ASN A 12 -1.44 3.78 -10.19
CA ASN A 12 -0.90 4.56 -11.31
C ASN A 12 0.60 4.34 -11.54
N LEU A 13 1.04 3.08 -11.52
CA LEU A 13 2.45 2.78 -11.75
C LEU A 13 2.65 2.78 -13.25
N LYS A 14 3.51 3.69 -13.72
CA LYS A 14 3.74 3.88 -15.14
C LYS A 14 4.95 3.10 -15.59
N PRO A 15 5.05 2.83 -16.91
CA PRO A 15 6.20 2.12 -17.43
C PRO A 15 7.48 2.78 -16.95
N GLY A 16 8.44 1.96 -16.57
CA GLY A 16 9.72 2.44 -16.12
C GLY A 16 9.80 2.66 -14.63
N GLU A 17 8.65 2.81 -13.97
CA GLU A 17 8.62 3.06 -12.53
C GLU A 17 8.72 1.75 -11.75
N LEU A 19 8.06 -0.70 -8.42
CA LEU A 19 7.30 -1.07 -7.23
C LEU A 19 8.16 -1.97 -6.37
N ARG A 20 8.35 -1.60 -5.12
CA ARG A 20 9.16 -2.37 -4.18
C ARG A 20 8.31 -2.83 -3.01
N VAL A 21 8.40 -4.12 -2.67
CA VAL A 21 7.62 -4.70 -1.57
C VAL A 21 8.60 -5.49 -0.73
N ARG A 22 8.59 -5.24 0.56
CA ARG A 22 9.43 -5.97 1.50
C ARG A 22 8.53 -6.61 2.51
N GLY A 23 8.81 -7.88 2.82
CA GLY A 23 7.97 -8.57 3.79
C GLY A 23 8.69 -9.72 4.45
N GLU A 24 8.02 -10.28 5.45
CA GLU A 24 8.53 -11.42 6.20
C GLU A 24 7.91 -12.71 5.68
N VAL A 25 8.75 -13.66 5.29
CA VAL A 25 8.27 -14.96 4.85
C VAL A 25 8.10 -15.82 6.11
N ALA A 26 6.89 -16.35 6.32
CA ALA A 26 6.61 -17.15 7.52
C ALA A 26 7.57 -18.33 7.68
N PRO A 27 7.88 -18.71 8.91
CA PRO A 27 8.75 -19.87 9.12
C PRO A 27 8.22 -21.15 8.50
N ASP A 28 6.89 -21.30 8.48
CA ASP A 28 6.26 -22.50 7.91
C ASP A 28 5.58 -22.19 6.59
N ALA A 29 6.11 -21.20 5.89
CA ALA A 29 5.49 -20.75 4.64
C ALA A 29 5.36 -21.89 3.65
N LYS A 30 4.22 -21.93 2.97
CA LYS A 30 3.98 -22.87 1.89
C LYS A 30 4.04 -22.15 0.54
N SER A 31 3.51 -20.91 0.52
N SER A 31 3.55 -20.91 0.49
CA SER A 31 3.20 -20.19 -0.72
CA SER A 31 3.59 -20.14 -0.74
C SER A 31 2.94 -18.73 -0.42
C SER A 31 3.09 -18.75 -0.41
N PHE A 32 3.35 -17.82 -1.31
CA PHE A 32 2.80 -16.48 -1.24
C PHE A 32 2.57 -15.97 -2.65
N VAL A 33 1.79 -14.90 -2.74
CA VAL A 33 1.37 -14.37 -4.01
C VAL A 33 1.45 -12.86 -3.99
N LEU A 34 1.99 -12.31 -5.08
N LEU A 34 1.99 -12.29 -5.07
CA LEU A 34 1.78 -10.92 -5.38
CA LEU A 34 1.83 -10.87 -5.38
C LEU A 34 1.08 -10.91 -6.73
C LEU A 34 1.21 -10.73 -6.76
N ASN A 35 0.02 -10.14 -6.81
CA ASN A 35 -0.74 -9.96 -8.03
C ASN A 35 -0.68 -8.50 -8.40
N LEU A 36 -0.42 -8.21 -9.67
CA LEU A 36 -0.38 -6.86 -10.18
C LEU A 36 -1.21 -6.74 -11.44
N GLY A 37 -1.93 -5.66 -11.60
CA GLY A 37 -2.66 -5.45 -12.84
C GLY A 37 -3.62 -4.31 -12.74
N LYS A 38 -4.79 -4.53 -13.30
CA LYS A 38 -5.87 -3.54 -13.32
C LYS A 38 -6.85 -3.75 -12.19
N ASP A 39 -7.17 -5.01 -11.94
CA ASP A 39 -8.13 -5.43 -10.92
C ASP A 39 -7.99 -6.95 -10.78
N SER A 40 -8.82 -7.54 -9.94
CA SER A 40 -8.64 -8.95 -9.61
C SER A 40 -8.82 -9.90 -10.78
N ASN A 41 -9.55 -9.45 -11.82
CA ASN A 41 -9.76 -10.27 -13.03
C ASN A 41 -8.76 -10.03 -14.15
N ASN A 42 -7.86 -9.06 -13.96
CA ASN A 42 -6.98 -8.57 -15.01
C ASN A 42 -5.61 -8.32 -14.44
N LEU A 43 -4.79 -9.35 -14.48
CA LEU A 43 -3.48 -9.35 -13.85
C LEU A 43 -2.41 -9.45 -14.90
N CYS A 44 -1.53 -8.47 -14.97
CA CYS A 44 -0.39 -8.62 -15.83
C CYS A 44 0.69 -9.47 -15.18
N LEU A 45 0.66 -9.60 -13.86
CA LEU A 45 1.56 -10.55 -13.21
C LEU A 45 0.93 -11.16 -11.99
N HIS A 46 0.84 -12.48 -11.97
CA HIS A 46 0.57 -13.27 -10.80
C HIS A 46 1.89 -13.93 -10.48
N PHE A 47 2.47 -13.54 -9.35
CA PHE A 47 3.83 -13.96 -8.97
C PHE A 47 3.67 -14.82 -7.74
N ASN A 48 4.01 -16.10 -7.86
CA ASN A 48 3.65 -17.11 -6.86
C ASN A 48 4.80 -18.03 -6.53
N PRO A 49 5.69 -17.58 -5.62
CA PRO A 49 6.68 -18.49 -5.07
C PRO A 49 6.02 -19.61 -4.27
N ARG A 50 6.33 -20.84 -4.65
CA ARG A 50 5.81 -22.02 -3.95
C ARG A 50 6.95 -22.74 -3.25
N PHE A 51 6.91 -22.73 -1.92
CA PHE A 51 7.90 -23.41 -1.11
C PHE A 51 7.53 -24.88 -1.10
N ASN A 52 6.24 -25.11 -0.93
CA ASN A 52 5.66 -26.43 -0.89
C ASN A 52 4.15 -26.30 -0.98
N ALA A 53 3.67 -26.20 -2.22
CA ALA A 53 2.26 -25.97 -2.49
C ALA A 53 1.96 -26.55 -3.87
N HIS A 54 0.78 -27.14 -4.01
CA HIS A 54 0.35 -27.75 -5.26
C HIS A 54 1.33 -28.81 -5.77
N GLY A 55 1.94 -29.54 -4.86
CA GLY A 55 2.90 -30.55 -5.25
C GLY A 55 4.26 -30.01 -5.66
N ASP A 56 4.42 -28.68 -5.64
CA ASP A 56 5.66 -28.02 -6.04
C ASP A 56 6.51 -27.59 -4.87
N ALA A 57 7.83 -27.81 -4.96
CA ALA A 57 8.76 -27.36 -3.95
C ALA A 57 9.74 -26.36 -4.54
N ASN A 58 9.93 -25.25 -3.82
CA ASN A 58 10.90 -24.21 -4.17
C ASN A 58 10.91 -23.82 -5.65
N THR A 59 9.73 -23.42 -6.12
CA THR A 59 9.54 -23.03 -7.51
C THR A 59 8.73 -21.75 -7.61
N ILE A 60 9.22 -20.79 -8.38
CA ILE A 60 8.42 -19.61 -8.69
C ILE A 60 7.52 -19.89 -9.87
N VAL A 61 6.22 -19.72 -9.66
CA VAL A 61 5.23 -19.83 -10.73
C VAL A 61 4.72 -18.46 -11.07
N CYS A 62 4.70 -18.11 -12.35
CA CYS A 62 4.13 -16.85 -12.80
C CYS A 62 3.04 -17.10 -13.82
N ASN A 63 2.06 -16.21 -13.83
CA ASN A 63 1.07 -16.27 -14.91
C ASN A 63 0.43 -14.93 -15.06
N SER A 64 -0.47 -14.82 -16.01
CA SER A 64 -1.30 -13.64 -16.23
C SER A 64 -2.74 -14.06 -16.11
N LYS A 65 -3.63 -13.07 -16.01
CA LYS A 65 -5.05 -13.34 -16.01
C LYS A 65 -5.70 -12.23 -16.81
N ASP A 66 -6.45 -12.59 -17.83
CA ASP A 66 -7.00 -11.61 -18.76
C ASP A 66 -8.50 -11.83 -18.80
N GLY A 67 -9.24 -10.85 -18.29
CA GLY A 67 -10.69 -10.97 -18.31
C GLY A 67 -11.15 -12.25 -17.62
N GLY A 68 -10.50 -12.57 -16.50
CA GLY A 68 -10.85 -13.75 -15.75
C GLY A 68 -10.14 -15.03 -16.12
N ALA A 69 -9.51 -15.06 -17.30
CA ALA A 69 -8.87 -16.28 -17.82
C ALA A 69 -7.39 -16.31 -17.49
N TRP A 70 -7.00 -17.36 -16.81
CA TRP A 70 -5.58 -17.60 -16.58
C TRP A 70 -4.88 -17.86 -17.91
N GLY A 71 -3.70 -17.27 -18.04
CA GLY A 71 -2.87 -17.52 -19.20
C GLY A 71 -2.03 -18.77 -19.07
N THR A 72 -0.99 -18.81 -19.88
CA THR A 72 -0.05 -19.93 -19.88
C THR A 72 1.00 -19.72 -18.77
N GLU A 73 0.98 -20.61 -17.80
CA GLU A 73 1.91 -20.59 -16.68
C GLU A 73 3.35 -20.78 -17.11
N GLN A 74 4.24 -20.10 -16.40
CA GLN A 74 5.67 -20.27 -16.60
C GLN A 74 6.35 -20.43 -15.27
N ARG A 75 7.39 -21.25 -15.25
CA ARG A 75 8.19 -21.46 -14.05
C ARG A 75 9.61 -20.97 -14.23
N GLU A 76 10.17 -20.41 -13.17
CA GLU A 76 11.58 -19.99 -13.17
C GLU A 76 12.43 -21.11 -12.55
N ALA A 77 13.75 -21.02 -12.65
CA ALA A 77 14.59 -22.12 -12.16
C ALA A 77 15.48 -21.71 -11.02
N VAL A 78 15.21 -20.58 -10.41
N VAL A 78 15.28 -20.51 -10.48
CA VAL A 78 15.91 -20.28 -9.21
CA VAL A 78 15.98 -20.10 -9.27
C VAL A 78 14.86 -19.96 -8.18
C VAL A 78 14.97 -19.70 -8.20
N PHE A 79 15.27 -20.01 -6.94
CA PHE A 79 14.35 -19.80 -5.86
C PHE A 79 15.05 -19.09 -4.69
N PRO A 80 15.16 -17.76 -4.76
CA PRO A 80 15.97 -17.01 -3.79
C PRO A 80 15.18 -16.59 -2.56
N PHE A 81 14.38 -17.48 -2.01
CA PHE A 81 13.59 -17.23 -0.81
C PHE A 81 13.83 -18.33 0.20
N GLN A 82 13.78 -17.97 1.47
N GLN A 82 13.68 -17.99 1.47
CA GLN A 82 13.87 -18.90 2.60
CA GLN A 82 13.89 -18.92 2.58
C GLN A 82 12.69 -18.65 3.50
C GLN A 82 12.80 -18.66 3.61
N PRO A 83 12.12 -19.71 4.07
CA PRO A 83 11.13 -19.51 5.13
C PRO A 83 11.79 -18.86 6.33
N GLY A 84 11.07 -18.01 7.04
CA GLY A 84 11.65 -17.38 8.21
C GLY A 84 12.62 -16.24 7.95
N SER A 85 12.45 -15.50 6.86
CA SER A 85 13.40 -14.47 6.53
C SER A 85 12.70 -13.27 5.92
N VAL A 86 13.42 -12.17 5.83
CA VAL A 86 12.90 -10.99 5.16
C VAL A 86 13.28 -11.04 3.70
N ALA A 87 12.32 -10.70 2.84
CA ALA A 87 12.60 -10.66 1.41
C ALA A 87 12.01 -9.44 0.77
N GLU A 88 12.75 -8.86 -0.17
N GLU A 88 12.70 -8.92 -0.23
CA GLU A 88 12.29 -7.73 -0.98
CA GLU A 88 12.23 -7.79 -1.00
C GLU A 88 12.12 -8.17 -2.41
C GLU A 88 12.16 -8.19 -2.46
N VAL A 89 11.05 -7.69 -3.03
N VAL A 89 11.09 -7.77 -3.11
CA VAL A 89 10.74 -7.92 -4.42
CA VAL A 89 10.91 -7.99 -4.53
C VAL A 89 10.63 -6.54 -5.08
C VAL A 89 10.58 -6.64 -5.15
N ILE A 91 9.63 -4.72 -8.86
CA ILE A 91 9.03 -4.98 -10.15
C ILE A 91 8.93 -3.70 -10.95
N THR A 92 9.22 -3.81 -12.23
N THR A 92 9.36 -3.75 -12.20
CA THR A 92 9.11 -2.70 -13.15
CA THR A 92 9.01 -2.71 -13.15
C THR A 92 8.62 -3.28 -14.48
C THR A 92 8.37 -3.32 -14.38
N PHE A 93 7.98 -2.47 -15.32
CA PHE A 93 7.46 -2.94 -16.59
C PHE A 93 7.56 -1.94 -17.69
N ASP A 94 7.50 -2.48 -18.91
CA ASP A 94 7.24 -1.71 -20.11
C ASP A 94 6.19 -2.48 -20.92
N GLN A 95 5.92 -2.08 -22.17
CA GLN A 95 4.85 -2.75 -22.92
C GLN A 95 5.20 -4.20 -23.23
N ALA A 96 6.48 -4.53 -23.32
CA ALA A 96 6.86 -5.88 -23.70
C ALA A 96 6.95 -6.85 -22.52
N ASN A 97 7.55 -6.42 -21.41
CA ASN A 97 7.83 -7.31 -20.30
C ASN A 97 7.69 -6.64 -18.96
N LEU A 98 7.41 -7.44 -17.93
CA LEU A 98 7.70 -7.04 -16.57
C LEU A 98 9.04 -7.58 -16.19
N THR A 99 9.80 -6.80 -15.43
CA THR A 99 11.10 -7.23 -14.91
C THR A 99 10.96 -7.41 -13.42
N VAL A 100 11.22 -8.61 -12.96
CA VAL A 100 11.11 -8.95 -11.54
C VAL A 100 12.49 -9.18 -10.98
N LYS A 101 12.86 -8.35 -10.01
N LYS A 101 12.82 -8.40 -9.96
CA LYS A 101 14.15 -8.43 -9.35
CA LYS A 101 14.32 -8.34 -9.22
CA LYS A 101 14.12 -8.50 -9.29
C LYS A 101 13.97 -8.90 -7.94
C LYS A 101 13.96 -8.98 -7.86
N LEU A 102 14.82 -9.83 -7.58
N LEU A 102 14.54 -10.21 -7.56
CA LEU A 102 14.63 -10.53 -6.34
CA LEU A 102 14.50 -11.04 -6.40
C LEU A 102 15.90 -10.63 -5.51
C LEU A 102 15.76 -10.76 -5.58
N PRO A 103 15.83 -11.32 -4.37
CA PRO A 103 17.06 -11.38 -3.57
C PRO A 103 18.15 -12.22 -4.26
N ASP A 104 19.35 -12.15 -3.71
CA ASP A 104 20.45 -12.99 -4.17
C ASP A 104 20.81 -12.73 -5.63
N GLY A 105 20.59 -11.50 -6.08
CA GLY A 105 20.98 -11.08 -7.42
C GLY A 105 20.07 -11.53 -8.56
N TYR A 106 19.00 -12.25 -8.27
CA TYR A 106 18.26 -12.86 -9.35
C TYR A 106 17.21 -11.94 -9.95
N GLU A 107 17.10 -11.98 -11.27
CA GLU A 107 16.16 -11.14 -12.01
C GLU A 107 15.65 -11.95 -13.18
N PHE A 108 14.36 -11.77 -13.49
CA PHE A 108 13.81 -12.41 -14.69
C PHE A 108 12.74 -11.53 -15.31
N LYS A 109 12.41 -11.80 -16.56
CA LYS A 109 11.37 -11.09 -17.27
C LYS A 109 10.18 -12.00 -17.47
N PHE A 110 9.01 -11.39 -17.42
CA PHE A 110 7.76 -12.09 -17.68
C PHE A 110 7.02 -11.29 -18.75
N PRO A 111 6.55 -11.95 -19.83
CA PRO A 111 5.93 -11.18 -20.91
C PRO A 111 4.73 -10.40 -20.42
N ASN A 112 4.60 -9.17 -20.88
CA ASN A 112 3.41 -8.40 -20.60
C ASN A 112 2.35 -8.72 -21.64
N ARG A 113 1.35 -9.46 -21.19
CA ARG A 113 0.34 -10.02 -22.09
C ARG A 113 -0.93 -9.21 -22.12
N LEU A 114 -1.06 -8.23 -21.24
CA LEU A 114 -2.23 -7.37 -21.23
C LEU A 114 -1.88 -6.05 -21.88
N ASN A 115 -2.88 -5.20 -22.02
CA ASN A 115 -2.71 -3.95 -22.68
C ASN A 115 -2.91 -2.75 -21.76
N LEU A 116 -2.36 -2.82 -20.55
CA LEU A 116 -2.62 -1.75 -19.58
C LEU A 116 -1.68 -0.57 -19.73
N GLU A 117 -2.25 0.62 -19.60
CA GLU A 117 -1.46 1.84 -19.66
C GLU A 117 -0.62 2.02 -18.41
N ALA A 118 -1.16 1.57 -17.29
CA ALA A 118 -0.51 1.73 -15.99
C ALA A 118 -0.90 0.48 -15.19
N ILE A 119 -0.13 0.16 -14.15
CA ILE A 119 -0.52 -0.87 -13.19
C ILE A 119 -1.21 -0.13 -12.06
N ASN A 120 -2.48 -0.45 -11.84
CA ASN A 120 -3.29 0.24 -10.83
C ASN A 120 -3.67 -0.58 -9.63
N TYR A 121 -3.40 -1.86 -9.65
CA TYR A 121 -3.88 -2.79 -8.63
C TYR A 121 -2.76 -3.71 -8.19
N MET A 122 -2.61 -3.88 -6.87
CA MET A 122 -1.73 -4.88 -6.33
C MET A 122 -2.49 -5.60 -5.24
N ALA A 123 -2.31 -6.91 -5.13
CA ALA A 123 -2.85 -7.68 -4.03
C ALA A 123 -1.83 -8.66 -3.57
N ALA A 124 -1.70 -8.80 -2.27
CA ALA A 124 -0.76 -9.74 -1.69
C ALA A 124 -1.55 -10.79 -0.96
N ASP A 125 -1.09 -12.03 -1.00
CA ASP A 125 -1.80 -13.07 -0.29
C ASP A 125 -0.78 -14.08 0.17
N GLY A 126 -1.19 -14.89 1.14
CA GLY A 126 -0.36 -15.98 1.59
C GLY A 126 0.66 -15.64 2.65
N ASP A 127 1.72 -16.45 2.67
CA ASP A 127 2.59 -16.54 3.83
C ASP A 127 3.74 -15.53 3.82
N PHE A 128 3.38 -14.26 3.65
CA PHE A 128 4.35 -13.16 3.47
C PHE A 128 3.71 -11.96 4.17
N LYS A 129 4.31 -11.47 5.25
CA LYS A 129 3.78 -10.32 5.99
C LYS A 129 4.42 -9.06 5.43
N ILE A 130 3.62 -8.18 4.82
CA ILE A 130 4.14 -6.98 4.15
C ILE A 130 4.56 -5.97 5.20
N LYS A 131 5.81 -5.51 5.10
CA LYS A 131 6.34 -4.53 6.02
C LYS A 131 6.51 -3.16 5.41
N VAL A 133 5.89 -0.97 1.35
N VAL A 133 5.87 -0.98 1.36
CA VAL A 133 5.68 -0.83 -0.07
CA VAL A 133 5.68 -0.87 -0.08
C VAL A 133 6.13 0.54 -0.49
C VAL A 133 6.11 0.52 -0.50
N ALA A 134 6.90 0.60 -1.57
CA ALA A 134 7.36 1.87 -2.10
C ALA A 134 7.08 1.94 -3.59
N PHE A 135 6.65 3.12 -4.03
CA PHE A 135 6.27 3.32 -5.41
C PHE A 135 7.19 4.35 -5.99
N ASP A 136 8.07 3.94 -6.92
CA ASP A 136 9.05 4.82 -7.58
C ASP A 136 9.17 6.18 -6.90
N CYS B 4 -8.66 9.85 -7.48
CA CYS B 4 -8.05 10.22 -6.21
C CYS B 4 -6.63 9.67 -6.19
N GLY B 5 -6.12 9.42 -4.99
CA GLY B 5 -4.82 8.81 -4.84
C GLY B 5 -4.98 7.35 -4.44
N LEU B 6 -3.93 6.83 -3.85
CA LEU B 6 -3.84 5.46 -3.46
C LEU B 6 -4.96 5.06 -2.51
N VAL B 7 -5.56 3.89 -2.69
CA VAL B 7 -6.51 3.30 -1.76
C VAL B 7 -5.98 1.92 -1.36
N ALA B 8 -5.92 1.67 -0.08
CA ALA B 8 -5.43 0.39 0.42
C ALA B 8 -6.43 -0.20 1.38
N SER B 9 -6.59 -1.52 1.29
N SER B 9 -6.58 -1.52 1.32
CA SER B 9 -7.49 -2.26 2.15
CA SER B 9 -7.45 -2.23 2.21
C SER B 9 -6.75 -3.46 2.74
C SER B 9 -6.74 -3.46 2.75
N ASN B 10 -7.37 -4.08 3.73
CA ASN B 10 -6.75 -5.17 4.49
C ASN B 10 -5.45 -4.75 5.17
N LEU B 11 -5.37 -3.52 5.68
N LEU B 11 -5.37 -3.52 5.66
CA LEU B 11 -4.16 -3.04 6.36
CA LEU B 11 -4.14 -3.06 6.32
C LEU B 11 -3.87 -3.89 7.58
C LEU B 11 -3.87 -3.82 7.61
N ASN B 12 -4.91 -4.30 8.27
CA ASN B 12 -4.77 -5.04 9.55
C ASN B 12 -3.89 -4.31 10.56
N LEU B 13 -4.07 -3.00 10.71
CA LEU B 13 -3.31 -2.25 11.70
C LEU B 13 -4.01 -2.37 13.04
N LYS B 14 -3.26 -2.78 14.05
CA LYS B 14 -3.81 -3.02 15.38
C LYS B 14 -3.30 -1.98 16.39
N PRO B 15 -3.94 -1.93 17.58
CA PRO B 15 -3.56 -0.89 18.53
C PRO B 15 -2.08 -0.95 18.88
N GLY B 16 -1.45 0.22 18.88
CA GLY B 16 -0.06 0.35 19.22
C GLY B 16 0.89 0.22 18.04
N GLU B 17 0.40 -0.33 16.92
CA GLU B 17 1.26 -0.52 15.75
C GLU B 17 1.35 0.80 15.03
N LEU B 19 1.69 3.04 11.57
CA LEU B 19 1.58 3.18 10.14
C LEU B 19 2.34 4.42 9.72
N ARG B 20 3.36 4.28 8.87
CA ARG B 20 4.16 5.40 8.41
C ARG B 20 3.89 5.65 6.96
N VAL B 21 3.52 6.86 6.61
CA VAL B 21 3.21 7.24 5.25
C VAL B 21 4.10 8.38 4.85
N ARG B 22 4.91 8.18 3.83
N ARG B 22 4.85 8.18 3.78
CA ARG B 22 5.72 9.25 3.27
CA ARG B 22 5.78 9.16 3.24
C ARG B 22 5.22 9.60 1.89
C ARG B 22 5.29 9.58 1.85
N GLY B 23 5.22 10.87 1.58
CA GLY B 23 4.75 11.32 0.28
C GLY B 23 5.29 12.68 -0.09
N GLU B 24 4.87 13.13 -1.27
CA GLU B 24 5.25 14.42 -1.82
C GLU B 24 4.05 15.34 -1.75
N VAL B 25 4.21 16.47 -1.06
CA VAL B 25 3.25 17.56 -1.09
C VAL B 25 3.49 18.37 -2.37
N ALA B 26 2.44 18.47 -3.17
CA ALA B 26 2.55 19.09 -4.48
C ALA B 26 3.03 20.54 -4.36
N PRO B 27 3.72 21.04 -5.38
CA PRO B 27 4.24 22.42 -5.41
C PRO B 27 3.16 23.46 -5.22
N ASP B 28 1.96 22.95 -5.31
N ASP B 28 1.96 23.16 -5.74
CA ASP B 28 0.89 23.57 -5.97
CA ASP B 28 0.83 24.12 -5.76
C ASP B 28 -0.25 23.43 -4.96
C ASP B 28 -0.26 23.76 -4.76
N ALA B 29 0.13 22.97 -3.76
CA ALA B 29 -0.82 22.40 -2.80
C ALA B 29 -1.78 23.38 -2.17
N LYS B 30 -3.06 23.03 -2.24
CA LYS B 30 -4.11 23.73 -1.54
C LYS B 30 -4.61 22.90 -0.36
N SER B 31 -4.60 21.58 -0.52
CA SER B 31 -5.26 20.70 0.44
C SER B 31 -4.82 19.28 0.17
N PHE B 32 -4.63 18.45 1.19
CA PHE B 32 -4.56 17.01 0.95
C PHE B 32 -5.26 16.26 2.04
N VAL B 33 -5.54 14.99 1.79
CA VAL B 33 -6.33 14.17 2.69
C VAL B 33 -5.73 12.79 2.82
N LEU B 34 -5.69 12.33 4.07
N LEU B 34 -5.68 12.29 4.06
CA LEU B 34 -5.54 10.91 4.40
CA LEU B 34 -5.45 10.87 4.33
C LEU B 34 -6.73 10.45 5.18
C LEU B 34 -6.65 10.41 5.17
N ASN B 35 -7.39 9.44 4.66
CA ASN B 35 -8.51 8.84 5.34
C ASN B 35 -8.09 7.48 5.86
N LEU B 36 -8.42 7.20 7.11
N LEU B 36 -8.41 7.19 7.13
CA LEU B 36 -8.20 5.89 7.73
CA LEU B 36 -8.16 5.89 7.73
C LEU B 36 -9.44 5.39 8.39
C LEU B 36 -9.44 5.39 8.37
N GLY B 37 -9.67 4.09 8.31
CA GLY B 37 -10.77 3.51 9.06
C GLY B 37 -11.02 2.07 8.74
N LYS B 38 -12.28 1.68 8.84
CA LYS B 38 -12.73 0.34 8.53
CA LYS B 38 -12.73 0.35 8.53
C LYS B 38 -12.93 0.16 7.04
N ASP B 39 -13.48 1.19 6.41
CA ASP B 39 -13.83 1.21 5.00
C ASP B 39 -14.18 2.64 4.65
N SER B 40 -14.57 2.91 3.42
CA SER B 40 -14.71 4.28 2.95
C SER B 40 -15.87 5.04 3.65
N ASN B 41 -16.78 4.31 4.28
CA ASN B 41 -17.91 4.94 4.97
C ASN B 41 -17.77 5.05 6.48
N ASN B 42 -16.69 4.46 6.97
CA ASN B 42 -16.43 4.38 8.40
C ASN B 42 -15.00 4.74 8.67
N LEU B 43 -14.79 6.04 8.84
CA LEU B 43 -13.46 6.61 9.01
C LEU B 43 -13.24 7.04 10.43
N CYS B 44 -12.19 6.50 11.03
CA CYS B 44 -11.78 6.98 12.33
C CYS B 44 -10.96 8.23 12.20
N LEU B 45 -10.33 8.45 11.05
CA LEU B 45 -9.62 9.69 10.86
C LEU B 45 -9.70 10.15 9.43
N HIS B 46 -10.25 11.32 9.23
CA HIS B 46 -10.16 12.06 8.01
C HIS B 46 -9.22 13.18 8.37
N PHE B 47 -8.01 13.13 7.85
CA PHE B 47 -6.90 14.02 8.18
C PHE B 47 -6.69 14.93 6.99
N ASN B 48 -7.00 16.23 7.17
CA ASN B 48 -7.05 17.17 6.06
C ASN B 48 -6.29 18.48 6.33
N PRO B 49 -4.97 18.44 6.07
CA PRO B 49 -4.21 19.70 6.06
C PRO B 49 -4.67 20.59 4.91
N ARG B 50 -5.06 21.81 5.29
CA ARG B 50 -5.51 22.80 4.34
C ARG B 50 -4.49 23.94 4.29
N PHE B 51 -3.83 24.09 3.16
CA PHE B 51 -2.96 25.24 2.94
C PHE B 51 -3.81 26.47 2.70
N ASN B 52 -4.74 26.32 1.77
CA ASN B 52 -5.71 27.35 1.43
C ASN B 52 -6.92 26.66 0.82
N ALA B 53 -7.91 26.33 1.64
CA ALA B 53 -9.07 25.58 1.16
C ALA B 53 -10.27 25.64 2.10
N HIS B 54 -11.47 25.64 1.52
CA HIS B 54 -12.73 25.50 2.27
C HIS B 54 -12.80 26.45 3.44
N GLY B 55 -12.26 27.63 3.23
CA GLY B 55 -12.36 28.70 4.22
C GLY B 55 -11.23 28.75 5.24
N ASP B 56 -10.22 27.89 5.06
CA ASP B 56 -9.11 27.75 6.02
C ASP B 56 -7.73 27.97 5.40
N ALA B 57 -6.83 28.57 6.16
CA ALA B 57 -5.45 28.80 5.75
C ALA B 57 -4.50 28.13 6.75
N ASN B 58 -3.58 27.29 6.25
CA ASN B 58 -2.60 26.62 7.09
C ASN B 58 -3.20 26.04 8.37
N THR B 59 -4.24 25.24 8.17
CA THR B 59 -4.92 24.59 9.29
C THR B 59 -5.16 23.13 8.95
N ILE B 60 -4.89 22.26 9.92
CA ILE B 60 -5.28 20.86 9.82
C ILE B 60 -6.67 20.67 10.37
N VAL B 61 -7.57 20.14 9.56
CA VAL B 61 -8.90 19.79 10.00
C VAL B 61 -8.99 18.27 10.07
N CYS B 62 -9.51 17.76 11.16
CA CYS B 62 -9.78 16.34 11.32
C CYS B 62 -11.23 16.06 11.53
N ASN B 63 -11.67 14.93 11.04
CA ASN B 63 -13.04 14.52 11.32
C ASN B 63 -13.12 12.99 11.31
N SER B 64 -14.29 12.46 11.65
CA SER B 64 -14.66 11.07 11.54
C SER B 64 -15.85 10.95 10.59
N LYS B 65 -16.13 9.73 10.17
CA LYS B 65 -17.32 9.43 9.38
C LYS B 65 -17.84 8.11 9.88
N ASP B 66 -19.11 8.06 10.30
CA ASP B 66 -19.69 6.88 10.92
C ASP B 66 -20.91 6.47 10.08
N GLY B 67 -20.83 5.33 9.41
CA GLY B 67 -21.97 4.92 8.60
C GLY B 67 -22.34 5.95 7.56
N GLY B 68 -21.36 6.57 6.94
CA GLY B 68 -21.62 7.58 5.91
C GLY B 68 -21.84 8.99 6.39
N ALA B 69 -22.00 9.21 7.70
CA ALA B 69 -22.29 10.53 8.24
C ALA B 69 -21.04 11.15 8.84
N TRP B 70 -20.69 12.33 8.37
CA TRP B 70 -19.58 13.08 8.94
C TRP B 70 -19.85 13.48 10.39
N GLY B 71 -18.78 13.40 11.19
CA GLY B 71 -18.81 13.89 12.55
C GLY B 71 -18.56 15.39 12.62
N THR B 72 -18.20 15.85 13.80
CA THR B 72 -17.88 17.25 14.03
C THR B 72 -16.40 17.47 13.82
N GLU B 73 -16.04 18.47 13.02
CA GLU B 73 -14.65 18.80 12.75
C GLU B 73 -13.92 19.28 13.97
N GLN B 74 -12.65 18.89 14.06
CA GLN B 74 -11.70 19.43 15.03
C GLN B 74 -10.57 20.11 14.26
N ARG B 75 -10.20 21.32 14.68
CA ARG B 75 -9.13 22.08 14.07
C ARG B 75 -7.91 22.06 14.95
N GLU B 76 -6.77 21.68 14.39
CA GLU B 76 -5.54 21.58 15.16
C GLU B 76 -4.87 22.92 15.26
N ALA B 77 -3.81 22.96 16.06
CA ALA B 77 -3.15 24.20 16.41
C ALA B 77 -1.80 24.32 15.74
N VAL B 78 -1.38 23.30 15.01
CA VAL B 78 -0.08 23.35 14.34
C VAL B 78 -0.15 22.93 12.88
N PHE B 79 0.85 23.34 12.11
CA PHE B 79 0.85 23.12 10.67
C PHE B 79 2.26 23.01 10.11
N PRO B 80 2.91 21.87 10.31
CA PRO B 80 4.29 21.75 9.84
C PRO B 80 4.33 21.11 8.47
N PHE B 81 3.59 21.70 7.53
CA PHE B 81 3.69 21.31 6.13
C PHE B 81 3.98 22.51 5.24
N GLN B 82 4.66 22.23 4.15
CA GLN B 82 4.98 23.22 3.12
C GLN B 82 4.67 22.65 1.76
N PRO B 83 4.18 23.50 0.85
CA PRO B 83 4.02 22.99 -0.52
C PRO B 83 5.37 22.64 -1.14
N GLY B 84 5.37 21.61 -1.99
CA GLY B 84 6.55 21.26 -2.78
C GLY B 84 7.65 20.63 -1.94
N SER B 85 7.26 19.74 -1.05
CA SER B 85 8.21 19.15 -0.13
C SER B 85 7.81 17.72 0.13
N VAL B 86 8.74 16.94 0.66
CA VAL B 86 8.40 15.62 1.14
C VAL B 86 7.94 15.69 2.59
N ALA B 87 6.98 14.83 2.93
CA ALA B 87 6.52 14.75 4.31
C ALA B 87 6.19 13.33 4.73
N GLU B 88 6.43 13.05 6.00
CA GLU B 88 6.11 11.76 6.63
C GLU B 88 5.08 12.02 7.73
N VAL B 89 4.03 11.20 7.76
CA VAL B 89 3.04 11.20 8.84
C VAL B 89 3.01 9.78 9.42
N ILE B 91 1.01 7.25 12.15
CA ILE B 91 -0.23 7.12 12.91
C ILE B 91 -0.28 5.84 13.72
N THR B 92 -0.74 5.98 14.95
CA THR B 92 -1.02 4.86 15.82
C THR B 92 -2.35 5.13 16.50
N PHE B 93 -2.96 4.10 17.07
CA PHE B 93 -4.23 4.30 17.76
C PHE B 93 -4.37 3.32 18.90
N ASP B 94 -5.32 3.61 19.77
CA ASP B 94 -5.71 2.73 20.85
C ASP B 94 -7.19 2.93 21.12
N GLN B 95 -7.65 2.43 22.28
CA GLN B 95 -9.06 2.49 22.67
C GLN B 95 -9.61 3.92 22.59
N ALA B 96 -8.81 4.87 23.04
CA ALA B 96 -9.35 6.20 23.29
C ALA B 96 -9.05 7.16 22.13
N ASN B 97 -7.88 7.02 21.50
CA ASN B 97 -7.38 8.04 20.59
C ASN B 97 -6.56 7.52 19.45
N LEU B 98 -6.54 8.29 18.38
CA LEU B 98 -5.48 8.21 17.39
C LEU B 98 -4.43 9.23 17.74
N THR B 99 -3.17 8.84 17.55
CA THR B 99 -2.04 9.73 17.72
C THR B 99 -1.42 9.92 16.35
N VAL B 100 -1.36 11.17 15.90
CA VAL B 100 -0.79 11.52 14.63
C VAL B 100 0.51 12.27 14.85
N LYS B 101 1.63 11.68 14.41
CA LYS B 101 2.92 12.33 14.47
C LYS B 101 3.24 12.92 13.10
N LEU B 102 3.72 14.15 13.13
CA LEU B 102 3.89 15.00 11.96
C LEU B 102 5.35 15.39 11.85
N PRO B 103 5.74 16.01 10.73
CA PRO B 103 7.11 16.54 10.60
C PRO B 103 7.48 17.50 11.73
N ASP B 104 8.78 17.67 11.89
CA ASP B 104 9.36 18.62 12.85
C ASP B 104 8.95 18.43 14.32
N GLY B 105 8.59 17.21 14.68
CA GLY B 105 8.36 16.90 16.08
C GLY B 105 6.94 17.15 16.61
N TYR B 106 6.04 17.58 15.73
CA TYR B 106 4.67 17.89 16.16
C TYR B 106 3.85 16.61 16.25
N GLU B 107 2.87 16.62 17.13
CA GLU B 107 1.91 15.54 17.20
C GLU B 107 0.62 15.98 17.83
N PHE B 108 -0.44 15.26 17.52
CA PHE B 108 -1.69 15.54 18.20
C PHE B 108 -2.49 14.27 18.33
N LYS B 109 -3.53 14.33 19.17
CA LYS B 109 -4.46 13.24 19.33
C LYS B 109 -5.83 13.62 18.81
N PHE B 110 -6.53 12.61 18.30
CA PHE B 110 -7.91 12.78 17.84
C PHE B 110 -8.70 11.62 18.42
N PRO B 111 -9.86 11.88 19.05
CA PRO B 111 -10.58 10.78 19.71
C PRO B 111 -10.98 9.67 18.76
N ASN B 112 -10.91 8.43 19.20
CA ASN B 112 -11.37 7.27 18.43
C ASN B 112 -12.88 7.12 18.63
N ARG B 113 -13.61 7.91 17.86
CA ARG B 113 -15.04 8.05 18.02
C ARG B 113 -15.82 6.79 17.64
N LEU B 114 -15.24 6.01 16.73
N LEU B 114 -15.29 6.01 16.72
CA LEU B 114 -15.87 4.79 16.24
CA LEU B 114 -15.94 4.78 16.28
C LEU B 114 -15.51 3.60 17.13
C LEU B 114 -15.54 3.60 17.16
N ASN B 115 -14.61 3.82 18.08
CA ASN B 115 -14.11 2.74 18.95
C ASN B 115 -13.54 1.59 18.13
N LEU B 116 -12.82 1.92 17.06
CA LEU B 116 -12.23 0.87 16.23
C LEU B 116 -11.12 0.16 16.97
N GLU B 117 -11.05 -1.16 16.75
CA GLU B 117 -10.00 -2.01 17.28
C GLU B 117 -9.01 -2.43 16.20
N ALA B 118 -9.27 -2.04 14.96
CA ALA B 118 -8.37 -2.33 13.86
C ALA B 118 -8.60 -1.28 12.80
N ILE B 119 -7.55 -0.93 12.08
CA ILE B 119 -7.69 -0.01 10.96
C ILE B 119 -7.33 -0.83 9.73
N ASN B 120 -8.28 -0.94 8.82
CA ASN B 120 -8.12 -1.76 7.62
C ASN B 120 -8.11 -1.02 6.32
N TYR B 121 -8.44 0.27 6.36
CA TYR B 121 -8.60 1.07 5.15
C TYR B 121 -7.82 2.34 5.22
N MET B 122 -7.16 2.72 4.13
CA MET B 122 -6.55 4.01 3.98
C MET B 122 -6.75 4.51 2.58
N ALA B 123 -6.98 5.79 2.43
CA ALA B 123 -7.08 6.40 1.11
C ALA B 123 -6.45 7.78 1.15
N ALA B 124 -5.76 8.16 0.10
CA ALA B 124 -5.19 9.47 -0.04
C ALA B 124 -5.91 10.21 -1.14
N ASP B 125 -5.98 11.51 -0.99
CA ASP B 125 -6.58 12.35 -2.01
C ASP B 125 -5.87 13.68 -1.95
N GLY B 126 -5.97 14.42 -3.03
CA GLY B 126 -5.48 15.78 -3.05
C GLY B 126 -4.04 15.88 -3.37
N ASP B 127 -3.44 16.92 -2.82
CA ASP B 127 -2.15 17.33 -3.28
C ASP B 127 -1.02 16.63 -2.52
N PHE B 128 -1.16 15.30 -2.38
CA PHE B 128 -0.20 14.44 -1.66
C PHE B 128 -0.09 13.10 -2.38
N LYS B 129 1.08 12.89 -2.95
CA LYS B 129 1.35 11.65 -3.67
C LYS B 129 2.14 10.71 -2.78
N ILE B 130 1.53 9.57 -2.45
CA ILE B 130 2.16 8.63 -1.54
C ILE B 130 3.32 7.92 -2.22
N LYS B 131 4.49 7.92 -1.58
CA LYS B 131 5.68 7.27 -2.12
C LYS B 131 6.07 6.02 -1.37
N VAL B 133 4.71 3.40 2.15
N VAL B 133 4.68 3.41 2.13
CA VAL B 133 3.88 3.03 3.29
CA VAL B 133 3.92 3.11 3.33
C VAL B 133 4.58 1.92 4.02
C VAL B 133 4.64 1.96 4.01
N ALA B 134 4.77 2.08 5.32
CA ALA B 134 5.42 1.06 6.13
C ALA B 134 4.64 0.74 7.37
N PHE B 135 4.83 -0.50 7.82
CA PHE B 135 4.18 -1.06 8.99
C PHE B 135 5.22 -1.41 10.06
N ASP B 136 5.17 -0.70 11.18
CA ASP B 136 5.84 -1.08 12.44
C ASP B 136 4.75 -1.45 13.44
#